data_1LPP
#
_entry.id   1LPP
#
_cell.length_a   65.100
_cell.length_b   97.400
_cell.length_c   176.200
_cell.angle_alpha   90.00
_cell.angle_beta   90.00
_cell.angle_gamma   90.00
#
_symmetry.space_group_name_H-M   'C 2 2 21'
#
loop_
_entity.id
_entity.type
_entity.pdbx_description
1 polymer LIPASE
2 branched 2-acetamido-2-deoxy-beta-D-glucopyranose-(1-4)-2-acetamido-2-deoxy-beta-D-glucopyranose
3 non-polymer 2-acetamido-2-deoxy-beta-D-glucopyranose
4 non-polymer 'CALCIUM ION'
5 non-polymer '1-HEXADECANOSULFONIC ACID'
6 water water
#
_entity_poly.entity_id   1
_entity_poly.type   'polypeptide(L)'
_entity_poly.pdbx_seq_one_letter_code
;MELALALSLIASVAAAPTATLANGDTITGLNAIINEAFLGIPFAEPPVGNLRFKDPVPYSGSLDGQKFTSYGPSCMQQNP
EGTYEENLPKAALDLVMQSKVFEAVSPSSEDCLTINVVRPPGTKAGANLPVMLWIFGGGFEVGGTSTFPPAQMITKSIAM
GKPIIHVSVNYRVSSWGFLAGDEIKAEGSANAGLKDQRLGMQWVADNIAAFGGDPTKVTIFGESAGSMSVMCHILWNDGD
NTYKGKPLFRAGIMQSGAMVPSDAVDGIYGNEIFDLLASNAGCGSASDKLACLRGVSSDTLEDATNNTPGFLAYSSLRLS
YLPRPDGVNITDDMYALVREGKYANIPVIIGDQNDEGTFFGTSSLNVTTDAQAREYFKQSFVHASDAEIDTLMTAYPGDI
TQGSPFDTGILNALTPQFKRISAVLGDLGFTLARRYFLNHYTGGTKYSFLSKQLSGLPVLGTFHSNDIVFQDYLLGSGSL
IYNNAFIAFATDLDPNTAGLLVKWPEYTSSSQSGNNLMMINALGLYTGKDNFRTAGYDALFSNPPSFFV
;
_entity_poly.pdbx_strand_id   A
#
loop_
_chem_comp.id
_chem_comp.type
_chem_comp.name
_chem_comp.formula
CA non-polymer 'CALCIUM ION' 'Ca 2'
HDS non-polymer '1-HEXADECANOSULFONIC ACID' 'C16 H34 O3 S'
NAG D-saccharide, beta linking 2-acetamido-2-deoxy-beta-D-glucopyranose 'C8 H15 N O6'
#
# COMPACT_ATOMS: atom_id res chain seq x y z
N ALA A 16 -22.46 -26.58 3.93
CA ALA A 16 -21.28 -25.67 4.07
C ALA A 16 -20.97 -25.13 2.69
N PRO A 17 -20.42 -23.90 2.62
CA PRO A 17 -20.08 -23.28 1.34
C PRO A 17 -19.07 -24.20 0.64
N THR A 18 -19.22 -24.37 -0.66
CA THR A 18 -18.32 -25.24 -1.39
C THR A 18 -17.96 -24.67 -2.76
N ALA A 19 -16.78 -25.01 -3.25
CA ALA A 19 -16.34 -24.52 -4.54
C ALA A 19 -15.39 -25.52 -5.17
N THR A 20 -15.53 -25.74 -6.47
CA THR A 20 -14.66 -26.67 -7.18
C THR A 20 -13.66 -25.87 -7.99
N LEU A 21 -12.41 -25.87 -7.57
CA LEU A 21 -11.37 -25.12 -8.25
C LEU A 21 -11.17 -25.54 -9.69
N ALA A 22 -10.31 -24.78 -10.38
CA ALA A 22 -9.98 -25.01 -11.78
C ALA A 22 -9.41 -26.40 -12.01
N ASN A 23 -8.59 -26.87 -11.08
CA ASN A 23 -7.97 -28.19 -11.18
C ASN A 23 -8.87 -29.35 -10.70
N GLY A 24 -10.16 -29.09 -10.51
CA GLY A 24 -11.05 -30.15 -10.05
C GLY A 24 -11.17 -30.36 -8.55
N ASP A 25 -10.34 -29.70 -7.76
CA ASP A 25 -10.42 -29.84 -6.31
C ASP A 25 -11.67 -29.16 -5.77
N THR A 26 -12.33 -29.81 -4.82
CA THR A 26 -13.51 -29.23 -4.22
C THR A 26 -13.10 -28.88 -2.80
N ILE A 27 -13.31 -27.62 -2.43
CA ILE A 27 -12.94 -27.18 -1.10
C ILE A 27 -14.19 -26.72 -0.36
N THR A 28 -14.07 -26.65 0.96
CA THR A 28 -15.15 -26.24 1.84
C THR A 28 -14.81 -24.93 2.58
N GLY A 29 -15.80 -24.04 2.67
CA GLY A 29 -15.62 -22.77 3.34
C GLY A 29 -16.39 -22.70 4.64
N LEU A 30 -16.53 -21.48 5.15
CA LEU A 30 -17.21 -21.21 6.40
C LEU A 30 -18.48 -20.40 6.16
N ASN A 31 -19.58 -20.78 6.80
CA ASN A 31 -20.82 -20.04 6.65
C ASN A 31 -20.92 -19.14 7.87
N ALA A 32 -20.74 -17.84 7.66
CA ALA A 32 -20.77 -16.87 8.74
C ALA A 32 -22.12 -16.16 8.80
N ILE A 33 -23.13 -16.76 8.15
CA ILE A 33 -24.50 -16.23 8.10
C ILE A 33 -24.58 -15.00 7.21
N ILE A 34 -23.90 -13.92 7.60
CA ILE A 34 -23.91 -12.69 6.82
C ILE A 34 -23.03 -12.74 5.57
N ASN A 35 -22.22 -13.79 5.47
CA ASN A 35 -21.37 -14.02 4.30
C ASN A 35 -20.82 -15.44 4.36
N GLU A 36 -20.21 -15.88 3.27
CA GLU A 36 -19.60 -17.19 3.17
C GLU A 36 -18.15 -16.93 2.86
N ALA A 37 -17.26 -17.56 3.62
CA ALA A 37 -15.85 -17.32 3.47
C ALA A 37 -14.97 -18.55 3.29
N PHE A 38 -13.97 -18.42 2.42
CA PHE A 38 -12.97 -19.46 2.16
C PHE A 38 -11.65 -18.74 2.52
N LEU A 39 -11.13 -19.01 3.71
CA LEU A 39 -9.94 -18.36 4.21
C LEU A 39 -8.72 -19.27 4.24
N GLY A 40 -7.56 -18.70 3.93
CA GLY A 40 -6.31 -19.45 3.96
C GLY A 40 -5.98 -20.41 2.83
N ILE A 41 -6.52 -20.19 1.63
CA ILE A 41 -6.23 -21.06 0.49
C ILE A 41 -4.80 -20.76 -0.01
N PRO A 42 -3.91 -21.78 -0.05
CA PRO A 42 -2.55 -21.52 -0.50
C PRO A 42 -2.54 -21.26 -2.01
N PHE A 43 -1.87 -20.21 -2.45
CA PHE A 43 -1.80 -19.95 -3.89
C PHE A 43 -0.37 -20.06 -4.43
N ALA A 44 0.58 -20.28 -3.52
CA ALA A 44 1.96 -20.41 -3.92
C ALA A 44 2.68 -21.39 -3.01
N GLU A 45 3.78 -21.95 -3.49
CA GLU A 45 4.58 -22.86 -2.68
C GLU A 45 5.24 -22.00 -1.61
N PRO A 46 5.44 -22.55 -0.40
CA PRO A 46 6.07 -21.80 0.71
C PRO A 46 7.45 -21.28 0.27
N PRO A 47 7.63 -19.95 0.28
CA PRO A 47 8.86 -19.27 -0.10
C PRO A 47 9.95 -19.37 0.96
N VAL A 48 10.20 -20.59 1.39
CA VAL A 48 11.18 -20.84 2.44
C VAL A 48 12.47 -21.48 1.90
N GLY A 49 13.49 -21.55 2.75
CA GLY A 49 14.75 -22.14 2.36
C GLY A 49 15.37 -21.44 1.17
N ASN A 50 15.72 -22.19 0.14
CA ASN A 50 16.34 -21.62 -1.03
C ASN A 50 15.37 -20.85 -1.92
N LEU A 51 14.09 -20.82 -1.55
CA LEU A 51 13.09 -20.07 -2.30
C LEU A 51 12.95 -18.64 -1.75
N ARG A 52 13.69 -18.35 -0.67
CA ARG A 52 13.67 -17.02 -0.05
C ARG A 52 14.07 -15.94 -1.05
N PHE A 53 13.42 -14.79 -0.94
CA PHE A 53 13.68 -13.62 -1.77
C PHE A 53 13.44 -13.87 -3.26
N LYS A 54 13.04 -15.08 -3.63
CA LYS A 54 12.79 -15.41 -5.02
C LYS A 54 11.32 -15.29 -5.41
N ASP A 55 11.07 -15.22 -6.72
CA ASP A 55 9.71 -15.14 -7.26
C ASP A 55 8.84 -16.24 -6.67
N PRO A 56 7.54 -15.97 -6.50
CA PRO A 56 6.70 -17.04 -5.93
C PRO A 56 6.45 -18.14 -6.96
N VAL A 57 6.34 -19.38 -6.49
CA VAL A 57 6.09 -20.51 -7.36
C VAL A 57 4.63 -20.92 -7.20
N PRO A 58 3.90 -21.13 -8.31
CA PRO A 58 2.49 -21.53 -8.25
C PRO A 58 2.32 -22.75 -7.36
N TYR A 59 1.25 -22.78 -6.59
CA TYR A 59 1.04 -23.91 -5.72
C TYR A 59 0.60 -25.12 -6.53
N SER A 60 1.38 -26.18 -6.41
CA SER A 60 1.11 -27.45 -7.10
C SER A 60 0.73 -28.39 -5.96
N GLY A 61 -0.54 -28.73 -5.89
CA GLY A 61 -0.96 -29.60 -4.81
C GLY A 61 -2.45 -29.80 -4.89
N SER A 62 -2.95 -30.67 -4.03
CA SER A 62 -4.37 -30.94 -4.00
C SER A 62 -4.99 -30.34 -2.76
N LEU A 63 -6.08 -29.60 -2.96
CA LEU A 63 -6.82 -28.95 -1.89
C LEU A 63 -8.15 -29.69 -1.78
N ASP A 64 -8.26 -30.75 -2.57
CA ASP A 64 -9.46 -31.57 -2.60
C ASP A 64 -9.83 -32.08 -1.22
N GLY A 65 -11.08 -31.86 -0.86
CA GLY A 65 -11.60 -32.30 0.42
C GLY A 65 -11.17 -31.48 1.62
N GLN A 66 -10.49 -30.37 1.39
CA GLN A 66 -10.04 -29.54 2.50
C GLN A 66 -10.97 -28.39 2.87
N LYS A 67 -10.92 -28.00 4.13
CA LYS A 67 -11.72 -26.90 4.64
C LYS A 67 -10.83 -25.67 4.79
N PHE A 68 -11.39 -24.52 4.48
CA PHE A 68 -10.68 -23.25 4.56
C PHE A 68 -11.59 -22.32 5.32
N THR A 69 -11.46 -22.37 6.64
CA THR A 69 -12.32 -21.62 7.54
C THR A 69 -11.59 -20.66 8.48
N SER A 70 -10.28 -20.52 8.30
CA SER A 70 -9.47 -19.62 9.11
C SER A 70 -8.41 -18.94 8.28
N TYR A 71 -8.08 -17.71 8.66
CA TYR A 71 -7.00 -16.97 7.98
C TYR A 71 -5.72 -17.67 8.40
N GLY A 72 -4.78 -17.80 7.48
CA GLY A 72 -3.51 -18.42 7.83
C GLY A 72 -2.62 -17.38 8.50
N PRO A 73 -1.35 -17.69 8.82
CA PRO A 73 -0.53 -16.66 9.45
C PRO A 73 -0.13 -15.62 8.41
N SER A 74 0.21 -14.43 8.90
CA SER A 74 0.67 -13.35 8.03
C SER A 74 2.13 -13.69 7.75
N CYS A 75 2.73 -12.98 6.80
CA CYS A 75 4.15 -13.17 6.51
C CYS A 75 4.92 -12.54 7.69
N MET A 76 6.22 -12.78 7.76
CA MET A 76 7.02 -12.25 8.85
C MET A 76 6.87 -10.72 8.88
N GLN A 77 6.83 -10.16 10.10
CA GLN A 77 6.65 -8.74 10.30
C GLN A 77 7.90 -8.08 10.83
N GLN A 78 8.20 -6.86 10.37
CA GLN A 78 9.36 -6.12 10.88
C GLN A 78 8.90 -5.19 12.00
N ASN A 79 9.75 -5.01 13.02
CA ASN A 79 9.46 -4.11 14.14
C ASN A 79 9.51 -2.70 13.55
N PRO A 80 8.38 -1.97 13.54
CA PRO A 80 8.31 -0.61 13.00
C PRO A 80 9.34 0.33 13.62
N GLU A 81 9.72 0.06 14.86
CA GLU A 81 10.72 0.86 15.57
C GLU A 81 12.11 0.24 15.45
N GLY A 82 12.22 -0.77 14.60
CA GLY A 82 13.50 -1.43 14.41
C GLY A 82 14.52 -0.46 13.89
N THR A 83 15.79 -0.74 14.17
CA THR A 83 16.88 0.12 13.74
C THR A 83 18.17 -0.49 14.27
N TYR A 84 19.29 -0.05 13.74
CA TYR A 84 20.57 -0.59 14.19
C TYR A 84 20.96 0.03 15.54
N GLU A 85 20.24 1.07 15.93
CA GLU A 85 20.51 1.73 17.21
C GLU A 85 19.70 0.97 18.27
N GLU A 86 20.03 1.19 19.53
CA GLU A 86 19.28 0.56 20.59
C GLU A 86 18.52 1.67 21.29
N ASN A 87 17.21 1.47 21.46
CA ASN A 87 16.38 2.45 22.14
C ASN A 87 15.12 1.83 22.75
N LEU A 88 14.43 2.62 23.57
CA LEU A 88 13.23 2.15 24.26
C LEU A 88 12.09 1.71 23.36
N PRO A 89 11.65 2.56 22.41
CA PRO A 89 10.55 2.22 21.49
C PRO A 89 10.81 0.89 20.81
N LYS A 90 12.05 0.68 20.36
CA LYS A 90 12.46 -0.56 19.72
C LYS A 90 12.31 -1.71 20.71
N ALA A 91 12.92 -1.57 21.88
CA ALA A 91 12.89 -2.60 22.91
C ALA A 91 11.48 -2.95 23.34
N ALA A 92 10.65 -1.93 23.48
CA ALA A 92 9.29 -2.12 23.90
C ALA A 92 8.44 -2.87 22.89
N LEU A 93 8.54 -2.50 21.61
CA LEU A 93 7.76 -3.16 20.56
C LEU A 93 8.19 -4.60 20.36
N ASP A 94 9.49 -4.83 20.50
CA ASP A 94 10.05 -6.16 20.37
C ASP A 94 9.48 -7.05 21.48
N LEU A 95 9.38 -6.50 22.69
CA LEU A 95 8.85 -7.23 23.83
C LEU A 95 7.42 -7.62 23.47
N VAL A 96 6.64 -6.68 22.96
CA VAL A 96 5.26 -6.92 22.57
C VAL A 96 5.17 -7.95 21.44
N MET A 97 5.95 -7.75 20.39
CA MET A 97 5.92 -8.63 19.24
C MET A 97 6.43 -10.05 19.44
N GLN A 98 7.33 -10.25 20.39
CA GLN A 98 7.83 -11.59 20.61
C GLN A 98 7.07 -12.31 21.71
N SER A 99 6.01 -11.70 22.20
CA SER A 99 5.22 -12.30 23.26
C SER A 99 4.38 -13.47 22.75
N LYS A 100 4.20 -14.48 23.61
CA LYS A 100 3.42 -15.65 23.27
C LYS A 100 1.95 -15.28 23.02
N VAL A 101 1.48 -14.23 23.67
CA VAL A 101 0.12 -13.78 23.47
C VAL A 101 -0.03 -13.18 22.07
N PHE A 102 0.92 -12.31 21.71
CA PHE A 102 0.90 -11.69 20.39
C PHE A 102 1.03 -12.78 19.35
N GLU A 103 2.00 -13.65 19.59
CA GLU A 103 2.30 -14.77 18.74
C GLU A 103 1.02 -15.59 18.49
N ALA A 104 0.13 -15.61 19.47
CA ALA A 104 -1.11 -16.36 19.37
C ALA A 104 -2.25 -15.65 18.68
N VAL A 105 -2.41 -14.36 18.96
CA VAL A 105 -3.48 -13.58 18.36
C VAL A 105 -3.14 -13.18 16.92
N SER A 106 -1.85 -13.05 16.64
CA SER A 106 -1.39 -12.63 15.32
C SER A 106 -0.18 -13.48 14.87
N PRO A 107 -0.44 -14.71 14.42
CA PRO A 107 0.65 -15.57 13.96
C PRO A 107 1.20 -15.14 12.61
N SER A 108 2.52 -15.28 12.48
CA SER A 108 3.22 -14.91 11.26
C SER A 108 4.16 -16.06 10.94
N SER A 109 4.56 -16.17 9.68
CA SER A 109 5.44 -17.25 9.27
C SER A 109 5.93 -16.96 7.87
N GLU A 110 7.01 -17.63 7.45
CA GLU A 110 7.51 -17.43 6.08
C GLU A 110 6.60 -18.19 5.11
N ASP A 111 5.88 -19.19 5.62
CA ASP A 111 4.93 -19.93 4.80
C ASP A 111 3.65 -19.11 5.06
N CYS A 112 3.38 -18.14 4.20
CA CYS A 112 2.24 -17.24 4.42
C CYS A 112 1.49 -16.83 3.18
N LEU A 113 1.87 -17.41 2.05
CA LEU A 113 1.22 -17.03 0.80
C LEU A 113 -0.14 -17.65 0.58
N THR A 114 -1.13 -17.09 1.26
CA THR A 114 -2.50 -17.57 1.14
C THR A 114 -3.42 -16.47 0.61
N ILE A 115 -4.58 -16.87 0.08
CA ILE A 115 -5.56 -15.96 -0.47
C ILE A 115 -6.94 -16.25 0.19
N ASN A 116 -7.78 -15.23 0.37
CA ASN A 116 -9.09 -15.37 1.01
C ASN A 116 -10.22 -14.87 0.12
N VAL A 117 -11.31 -15.62 0.04
CA VAL A 117 -12.47 -15.25 -0.78
C VAL A 117 -13.73 -15.18 0.12
N VAL A 118 -14.36 -14.01 0.19
CA VAL A 118 -15.56 -13.86 1.01
C VAL A 118 -16.65 -13.34 0.11
N ARG A 119 -17.84 -13.94 0.18
CA ARG A 119 -18.94 -13.55 -0.70
C ARG A 119 -20.29 -13.44 -0.01
N PRO A 120 -21.28 -12.90 -0.71
CA PRO A 120 -22.62 -12.77 -0.12
C PRO A 120 -23.20 -14.17 0.09
N PRO A 121 -24.00 -14.35 1.15
CA PRO A 121 -24.59 -15.66 1.41
C PRO A 121 -25.40 -16.10 0.20
N GLY A 122 -25.34 -17.38 -0.12
CA GLY A 122 -26.12 -17.85 -1.24
C GLY A 122 -25.55 -17.59 -2.60
N THR A 123 -24.29 -17.20 -2.68
CA THR A 123 -23.69 -16.95 -3.97
C THR A 123 -23.27 -18.31 -4.52
N LYS A 124 -23.46 -18.48 -5.83
CA LYS A 124 -23.16 -19.74 -6.50
C LYS A 124 -22.25 -19.48 -7.69
N ALA A 125 -21.55 -20.51 -8.13
CA ALA A 125 -20.66 -20.41 -9.28
C ALA A 125 -21.52 -19.92 -10.42
N GLY A 126 -20.96 -19.05 -11.25
CA GLY A 126 -21.71 -18.53 -12.38
C GLY A 126 -22.48 -17.25 -12.08
N ALA A 127 -22.49 -16.82 -10.82
CA ALA A 127 -23.19 -15.57 -10.47
C ALA A 127 -22.60 -14.36 -11.21
N ASN A 128 -21.30 -14.43 -11.53
CA ASN A 128 -20.60 -13.37 -12.24
C ASN A 128 -20.63 -12.00 -11.54
N LEU A 129 -20.40 -12.01 -10.23
CA LEU A 129 -20.37 -10.79 -9.44
C LEU A 129 -19.06 -10.06 -9.64
N PRO A 130 -19.07 -8.72 -9.50
CA PRO A 130 -17.83 -7.95 -9.64
C PRO A 130 -16.92 -8.35 -8.47
N VAL A 131 -15.61 -8.27 -8.66
CA VAL A 131 -14.64 -8.65 -7.66
C VAL A 131 -13.76 -7.46 -7.23
N MET A 132 -13.65 -7.25 -5.93
CA MET A 132 -12.83 -6.20 -5.36
C MET A 132 -11.67 -6.92 -4.68
N LEU A 133 -10.48 -6.76 -5.24
CA LEU A 133 -9.28 -7.42 -4.74
C LEU A 133 -8.47 -6.46 -3.88
N TRP A 134 -8.41 -6.74 -2.58
CA TRP A 134 -7.73 -5.92 -1.60
C TRP A 134 -6.23 -6.19 -1.40
N ILE A 135 -5.43 -5.12 -1.36
CA ILE A 135 -3.98 -5.18 -1.13
C ILE A 135 -3.73 -4.29 0.10
N PHE A 136 -3.34 -4.89 1.21
CA PHE A 136 -3.12 -4.13 2.44
C PHE A 136 -1.92 -3.16 2.50
N GLY A 137 -2.02 -2.19 3.39
CA GLY A 137 -0.95 -1.23 3.57
C GLY A 137 -0.06 -1.68 4.70
N GLY A 138 0.82 -0.81 5.18
CA GLY A 138 1.71 -1.20 6.26
C GLY A 138 3.17 -0.90 5.98
N GLY A 139 3.42 0.14 5.17
CA GLY A 139 4.76 0.57 4.83
C GLY A 139 5.72 -0.45 4.25
N PHE A 140 5.19 -1.42 3.51
CA PHE A 140 5.96 -2.53 2.90
C PHE A 140 6.79 -3.28 3.93
N GLU A 141 6.41 -3.17 5.20
CA GLU A 141 7.16 -3.80 6.30
C GLU A 141 6.35 -4.62 7.29
N VAL A 142 5.05 -4.33 7.38
CA VAL A 142 4.13 -5.07 8.26
C VAL A 142 2.82 -5.24 7.47
N GLY A 143 1.91 -6.02 8.03
CA GLY A 143 0.63 -6.21 7.38
C GLY A 143 0.20 -7.63 7.15
N GLY A 144 -1.12 -7.83 7.12
CA GLY A 144 -1.73 -9.12 6.89
C GLY A 144 -3.19 -8.90 6.51
N THR A 145 -3.80 -9.89 5.87
CA THR A 145 -5.19 -9.80 5.42
C THR A 145 -6.26 -9.94 6.50
N SER A 146 -5.91 -10.58 7.62
CA SER A 146 -6.88 -10.79 8.68
C SER A 146 -7.38 -9.55 9.40
N THR A 147 -6.64 -8.45 9.31
CA THR A 147 -7.03 -7.23 10.00
C THR A 147 -7.92 -6.31 9.17
N PHE A 148 -8.40 -6.82 8.06
CA PHE A 148 -9.25 -6.03 7.18
C PHE A 148 -10.57 -6.73 6.91
N PRO A 149 -11.47 -6.75 7.90
CA PRO A 149 -12.78 -7.40 7.75
C PRO A 149 -13.59 -6.87 6.58
N PRO A 150 -14.03 -7.75 5.66
CA PRO A 150 -14.82 -7.39 4.49
C PRO A 150 -16.33 -7.35 4.69
N ALA A 151 -16.79 -7.77 5.85
CA ALA A 151 -18.22 -7.81 6.13
C ALA A 151 -18.96 -6.50 5.85
N GLN A 152 -18.41 -5.38 6.32
CA GLN A 152 -19.05 -4.09 6.12
C GLN A 152 -19.22 -3.76 4.65
N MET A 153 -18.19 -4.01 3.87
CA MET A 153 -18.25 -3.76 2.43
C MET A 153 -19.33 -4.67 1.80
N ILE A 154 -19.23 -5.97 2.09
CA ILE A 154 -20.18 -6.94 1.54
C ILE A 154 -21.63 -6.66 1.91
N THR A 155 -21.89 -6.40 3.19
CA THR A 155 -23.24 -6.15 3.63
C THR A 155 -23.82 -4.94 2.91
N LYS A 156 -23.05 -3.86 2.87
CA LYS A 156 -23.50 -2.66 2.19
C LYS A 156 -23.73 -2.92 0.69
N SER A 157 -22.93 -3.80 0.09
CA SER A 157 -23.10 -4.09 -1.34
C SER A 157 -24.42 -4.79 -1.65
N ILE A 158 -24.85 -5.63 -0.72
CA ILE A 158 -26.11 -6.36 -0.86
C ILE A 158 -27.29 -5.40 -0.73
N ALA A 159 -27.23 -4.55 0.29
CA ALA A 159 -28.25 -3.53 0.54
C ALA A 159 -28.38 -2.55 -0.63
N MET A 160 -27.29 -2.35 -1.36
CA MET A 160 -27.26 -1.47 -2.51
C MET A 160 -27.76 -2.18 -3.76
N GLY A 161 -27.93 -3.49 -3.68
CA GLY A 161 -28.37 -4.24 -4.84
C GLY A 161 -27.21 -4.33 -5.83
N LYS A 162 -26.00 -4.20 -5.29
CA LYS A 162 -24.80 -4.27 -6.11
C LYS A 162 -23.79 -5.18 -5.39
N PRO A 163 -24.15 -6.46 -5.22
CA PRO A 163 -23.27 -7.41 -4.53
C PRO A 163 -21.91 -7.60 -5.20
N ILE A 164 -20.89 -7.68 -4.37
CA ILE A 164 -19.54 -7.88 -4.86
C ILE A 164 -18.88 -9.00 -4.06
N ILE A 165 -17.83 -9.58 -4.63
CA ILE A 165 -17.09 -10.62 -3.95
C ILE A 165 -15.76 -9.98 -3.49
N HIS A 166 -15.41 -10.19 -2.24
CA HIS A 166 -14.21 -9.62 -1.67
C HIS A 166 -13.05 -10.63 -1.63
N VAL A 167 -11.91 -10.25 -2.21
CA VAL A 167 -10.71 -11.09 -2.26
C VAL A 167 -9.52 -10.34 -1.65
N SER A 168 -8.71 -11.01 -0.84
CA SER A 168 -7.55 -10.38 -0.24
C SER A 168 -6.37 -11.33 -0.36
N VAL A 169 -5.17 -10.82 -0.61
CA VAL A 169 -4.02 -11.68 -0.78
C VAL A 169 -2.85 -11.30 0.14
N ASN A 170 -2.23 -12.30 0.76
CA ASN A 170 -1.08 -12.02 1.60
C ASN A 170 0.08 -11.85 0.63
N TYR A 171 1.09 -11.08 1.04
CA TYR A 171 2.30 -10.89 0.25
C TYR A 171 3.42 -10.68 1.26
N ARG A 172 4.63 -11.00 0.83
CA ARG A 172 5.82 -10.86 1.67
C ARG A 172 6.16 -9.38 1.82
N VAL A 173 6.48 -8.99 3.05
CA VAL A 173 6.86 -7.62 3.37
C VAL A 173 8.26 -7.59 3.98
N SER A 174 8.80 -6.38 4.12
CA SER A 174 10.12 -6.18 4.70
C SER A 174 11.25 -6.87 3.90
N SER A 175 12.29 -7.36 4.58
CA SER A 175 13.42 -8.00 3.90
C SER A 175 13.00 -9.19 3.08
N TRP A 176 12.05 -9.96 3.61
CA TRP A 176 11.54 -11.13 2.94
C TRP A 176 10.91 -10.84 1.58
N GLY A 177 10.33 -9.66 1.42
CA GLY A 177 9.66 -9.36 0.16
C GLY A 177 10.20 -8.23 -0.67
N PHE A 178 11.03 -7.37 -0.09
CA PHE A 178 11.57 -6.23 -0.83
C PHE A 178 13.06 -6.00 -0.66
N LEU A 179 13.82 -7.10 -0.60
CA LEU A 179 15.27 -7.00 -0.46
C LEU A 179 15.75 -6.51 -1.82
N ALA A 180 16.78 -5.66 -1.82
CA ALA A 180 17.30 -5.11 -3.05
C ALA A 180 18.82 -5.21 -3.07
N GLY A 181 19.46 -4.47 -3.99
CA GLY A 181 20.91 -4.48 -4.11
C GLY A 181 21.40 -5.17 -5.36
N ASP A 182 22.72 -5.17 -5.56
CA ASP A 182 23.35 -5.79 -6.73
C ASP A 182 23.06 -7.27 -6.95
N GLU A 183 23.11 -8.03 -5.86
CA GLU A 183 22.87 -9.46 -5.94
C GLU A 183 21.46 -9.83 -6.36
N ILE A 184 20.48 -9.17 -5.76
CA ILE A 184 19.08 -9.40 -6.05
C ILE A 184 18.79 -9.06 -7.50
N LYS A 185 19.38 -7.96 -7.94
CA LYS A 185 19.23 -7.47 -9.29
C LYS A 185 19.77 -8.51 -10.29
N ALA A 186 21.00 -8.97 -10.04
CA ALA A 186 21.68 -9.95 -10.87
C ALA A 186 20.90 -11.26 -10.98
N GLU A 187 20.15 -11.58 -9.93
CA GLU A 187 19.38 -12.81 -9.88
C GLU A 187 17.98 -12.70 -10.50
N GLY A 188 17.46 -11.48 -10.63
CA GLY A 188 16.13 -11.26 -11.17
C GLY A 188 15.05 -11.44 -10.10
N SER A 189 15.45 -11.27 -8.84
CA SER A 189 14.54 -11.44 -7.71
C SER A 189 14.01 -10.15 -7.07
N ALA A 190 13.95 -9.07 -7.84
CA ALA A 190 13.48 -7.79 -7.31
C ALA A 190 11.97 -7.75 -7.07
N ASN A 191 11.56 -7.04 -6.04
CA ASN A 191 10.14 -6.84 -5.74
C ASN A 191 9.35 -8.13 -5.58
N ALA A 192 9.85 -9.04 -4.75
CA ALA A 192 9.19 -10.33 -4.54
C ALA A 192 7.75 -10.15 -4.05
N GLY A 193 7.53 -9.21 -3.13
CA GLY A 193 6.21 -8.94 -2.60
C GLY A 193 5.18 -8.52 -3.64
N LEU A 194 5.61 -7.77 -4.66
CA LEU A 194 4.71 -7.34 -5.72
C LEU A 194 4.41 -8.55 -6.62
N LYS A 195 5.39 -9.43 -6.79
CA LYS A 195 5.20 -10.64 -7.57
C LYS A 195 4.21 -11.58 -6.87
N ASP A 196 4.19 -11.58 -5.53
CA ASP A 196 3.24 -12.41 -4.78
C ASP A 196 1.84 -11.88 -5.13
N GLN A 197 1.67 -10.57 -5.05
CA GLN A 197 0.38 -9.94 -5.39
C GLN A 197 -0.06 -10.29 -6.82
N ARG A 198 0.88 -10.25 -7.76
CA ARG A 198 0.60 -10.54 -9.17
C ARG A 198 0.12 -11.99 -9.37
N LEU A 199 0.74 -12.92 -8.67
CA LEU A 199 0.35 -14.35 -8.76
C LEU A 199 -1.06 -14.54 -8.23
N GLY A 200 -1.38 -13.86 -7.14
CA GLY A 200 -2.72 -13.94 -6.57
C GLY A 200 -3.74 -13.45 -7.58
N MET A 201 -3.35 -12.45 -8.36
CA MET A 201 -4.25 -11.91 -9.38
C MET A 201 -4.50 -12.96 -10.44
N GLN A 202 -3.46 -13.70 -10.78
CA GLN A 202 -3.58 -14.73 -11.77
C GLN A 202 -4.43 -15.87 -11.25
N TRP A 203 -4.32 -16.15 -9.95
CA TRP A 203 -5.12 -17.20 -9.31
C TRP A 203 -6.60 -16.80 -9.40
N VAL A 204 -6.86 -15.51 -9.22
CA VAL A 204 -8.21 -14.98 -9.29
C VAL A 204 -8.73 -15.16 -10.71
N ALA A 205 -7.92 -14.77 -11.70
CA ALA A 205 -8.35 -14.92 -13.08
C ALA A 205 -8.73 -16.39 -13.38
N ASP A 206 -7.92 -17.31 -12.86
CA ASP A 206 -8.10 -18.75 -13.07
C ASP A 206 -9.19 -19.44 -12.24
N ASN A 207 -9.42 -18.96 -11.02
CA ASN A 207 -10.35 -19.64 -10.12
C ASN A 207 -11.60 -18.94 -9.60
N ILE A 208 -11.70 -17.62 -9.71
CA ILE A 208 -12.83 -16.90 -9.13
C ILE A 208 -14.22 -17.26 -9.62
N ALA A 209 -14.36 -17.67 -10.88
CA ALA A 209 -15.66 -18.04 -11.43
C ALA A 209 -16.32 -19.15 -10.60
N ALA A 210 -15.48 -20.01 -10.03
CA ALA A 210 -15.95 -21.11 -9.20
C ALA A 210 -16.63 -20.63 -7.92
N PHE A 211 -16.30 -19.43 -7.49
CA PHE A 211 -16.90 -18.86 -6.27
C PHE A 211 -18.07 -17.94 -6.59
N GLY A 212 -18.28 -17.68 -7.88
CA GLY A 212 -19.37 -16.81 -8.28
C GLY A 212 -18.92 -15.44 -8.75
N GLY A 213 -17.62 -15.22 -8.88
CA GLY A 213 -17.14 -13.92 -9.33
C GLY A 213 -16.85 -13.91 -10.81
N ASP A 214 -16.81 -12.72 -11.42
CA ASP A 214 -16.52 -12.56 -12.84
C ASP A 214 -15.06 -12.10 -13.00
N PRO A 215 -14.18 -12.95 -13.61
CA PRO A 215 -12.77 -12.58 -13.80
C PRO A 215 -12.53 -11.35 -14.66
N THR A 216 -13.55 -10.93 -15.42
CA THR A 216 -13.45 -9.76 -16.27
C THR A 216 -13.93 -8.49 -15.57
N LYS A 217 -14.41 -8.63 -14.35
CA LYS A 217 -14.89 -7.51 -13.57
C LYS A 217 -14.11 -7.35 -12.26
N VAL A 218 -12.78 -7.43 -12.35
CA VAL A 218 -11.92 -7.28 -11.17
C VAL A 218 -11.45 -5.85 -11.01
N THR A 219 -11.65 -5.31 -9.80
CA THR A 219 -11.20 -3.95 -9.45
C THR A 219 -10.16 -4.14 -8.34
N ILE A 220 -8.95 -3.64 -8.55
CA ILE A 220 -7.92 -3.76 -7.51
C ILE A 220 -7.92 -2.50 -6.66
N PHE A 221 -7.73 -2.66 -5.35
CA PHE A 221 -7.72 -1.52 -4.46
C PHE A 221 -6.90 -1.75 -3.22
N GLY A 222 -6.34 -0.68 -2.68
CA GLY A 222 -5.53 -0.84 -1.49
C GLY A 222 -5.31 0.49 -0.86
N GLU A 223 -4.74 0.49 0.35
CA GLU A 223 -4.48 1.72 1.07
C GLU A 223 -3.00 1.83 1.41
N SER A 224 -2.48 3.07 1.35
CA SER A 224 -1.07 3.39 1.60
C SER A 224 -0.14 2.48 0.78
N ALA A 225 0.64 1.62 1.44
CA ALA A 225 1.53 0.71 0.71
C ALA A 225 0.76 -0.13 -0.30
N GLY A 226 -0.51 -0.39 0.01
CA GLY A 226 -1.33 -1.16 -0.90
C GLY A 226 -1.77 -0.32 -2.10
N SER A 227 -1.95 0.99 -1.88
CA SER A 227 -2.37 1.89 -2.94
C SER A 227 -1.20 2.05 -3.90
N MET A 228 -0.02 2.22 -3.33
CA MET A 228 1.19 2.34 -4.16
C MET A 228 1.40 1.02 -4.93
N SER A 229 1.07 -0.11 -4.31
CA SER A 229 1.13 -1.43 -4.97
C SER A 229 0.22 -1.42 -6.20
N VAL A 230 -1.00 -0.90 -6.04
CA VAL A 230 -1.96 -0.80 -7.15
C VAL A 230 -1.32 0.02 -8.29
N MET A 231 -0.69 1.14 -7.95
CA MET A 231 -0.02 1.99 -8.94
C MET A 231 1.06 1.19 -9.66
N CYS A 232 1.87 0.44 -8.90
CA CYS A 232 2.91 -0.40 -9.49
C CYS A 232 2.29 -1.45 -10.44
N HIS A 233 1.08 -1.91 -10.13
CA HIS A 233 0.42 -2.90 -10.96
C HIS A 233 -0.09 -2.30 -12.25
N ILE A 234 -0.37 -1.00 -12.21
CA ILE A 234 -0.82 -0.27 -13.39
C ILE A 234 0.37 -0.05 -14.31
N LEU A 235 1.54 0.13 -13.70
CA LEU A 235 2.79 0.37 -14.42
C LEU A 235 3.58 -0.89 -14.78
N TRP A 236 3.24 -2.02 -14.14
CA TRP A 236 3.89 -3.31 -14.38
C TRP A 236 3.95 -3.73 -15.85
N ASN A 237 5.09 -4.28 -16.24
CA ASN A 237 5.31 -4.74 -17.62
C ASN A 237 4.95 -3.65 -18.63
N ASP A 238 5.36 -2.42 -18.30
CA ASP A 238 5.11 -1.24 -19.14
C ASP A 238 3.64 -1.00 -19.48
N GLY A 239 2.77 -1.44 -18.58
CA GLY A 239 1.36 -1.25 -18.77
C GLY A 239 0.61 -2.45 -19.32
N ASP A 240 1.31 -3.57 -19.56
CA ASP A 240 0.62 -4.74 -20.06
C ASP A 240 0.11 -5.51 -18.84
N ASN A 241 -1.18 -5.41 -18.60
CA ASN A 241 -1.80 -6.09 -17.46
C ASN A 241 -2.57 -7.35 -17.87
N THR A 242 -2.22 -7.94 -19.00
CA THR A 242 -2.92 -9.14 -19.47
C THR A 242 -2.33 -10.46 -18.98
N TYR A 243 -3.20 -11.44 -18.87
CA TYR A 243 -2.86 -12.80 -18.45
C TYR A 243 -3.69 -13.71 -19.34
N LYS A 244 -3.01 -14.50 -20.18
CA LYS A 244 -3.71 -15.42 -21.08
C LYS A 244 -4.60 -14.65 -22.04
N GLY A 245 -4.12 -13.49 -22.50
CA GLY A 245 -4.88 -12.68 -23.43
C GLY A 245 -5.97 -11.77 -22.88
N LYS A 246 -6.14 -11.72 -21.57
CA LYS A 246 -7.17 -10.88 -20.97
C LYS A 246 -6.58 -10.07 -19.84
N PRO A 247 -7.06 -8.84 -19.67
CA PRO A 247 -6.51 -8.03 -18.58
C PRO A 247 -6.86 -8.62 -17.21
N LEU A 248 -5.94 -8.48 -16.26
CA LEU A 248 -6.13 -8.98 -14.91
C LEU A 248 -7.09 -8.15 -14.04
N PHE A 249 -7.32 -6.89 -14.43
CA PHE A 249 -8.22 -6.00 -13.69
C PHE A 249 -8.74 -4.95 -14.66
N ARG A 250 -9.94 -4.43 -14.41
CA ARG A 250 -10.57 -3.44 -15.28
C ARG A 250 -10.54 -2.03 -14.67
N ALA A 251 -10.14 -1.92 -13.41
CA ALA A 251 -10.10 -0.63 -12.73
C ALA A 251 -9.33 -0.74 -11.43
N GLY A 252 -9.08 0.40 -10.80
CA GLY A 252 -8.36 0.41 -9.54
C GLY A 252 -8.72 1.59 -8.66
N ILE A 253 -8.61 1.37 -7.37
CA ILE A 253 -8.91 2.40 -6.38
C ILE A 253 -7.69 2.56 -5.51
N MET A 254 -7.18 3.78 -5.46
CA MET A 254 -5.99 4.08 -4.70
C MET A 254 -6.28 4.99 -3.51
N GLN A 255 -6.27 4.40 -2.32
CA GLN A 255 -6.51 5.11 -1.07
C GLN A 255 -5.18 5.51 -0.43
N SER A 256 -4.77 6.77 -0.65
CA SER A 256 -3.52 7.30 -0.10
C SER A 256 -2.22 6.69 -0.64
N GLY A 257 -1.80 7.13 -1.83
CA GLY A 257 -0.56 6.62 -2.38
C GLY A 257 -0.58 6.41 -3.88
N ALA A 258 0.41 6.97 -4.58
CA ALA A 258 0.54 6.85 -6.03
C ALA A 258 1.92 6.26 -6.36
N MET A 259 2.74 6.91 -7.19
CA MET A 259 4.06 6.38 -7.54
C MET A 259 4.98 6.36 -6.33
N VAL A 260 5.91 5.42 -6.31
CA VAL A 260 6.91 5.33 -5.23
C VAL A 260 8.14 6.13 -5.75
N PRO A 261 8.61 7.12 -4.98
CA PRO A 261 9.77 7.91 -5.42
C PRO A 261 11.06 7.19 -5.06
N SER A 262 11.36 6.10 -5.76
CA SER A 262 12.54 5.30 -5.46
C SER A 262 13.50 5.10 -6.61
N ASP A 263 14.77 5.00 -6.23
CA ASP A 263 15.88 4.73 -7.15
C ASP A 263 15.79 3.23 -7.53
N ALA A 264 16.61 2.84 -8.50
CA ALA A 264 16.68 1.46 -8.97
C ALA A 264 17.05 0.50 -7.84
N VAL A 265 16.73 -0.78 -8.03
CA VAL A 265 17.00 -1.84 -7.06
C VAL A 265 18.49 -1.96 -6.72
N ASP A 266 19.36 -1.62 -7.67
CA ASP A 266 20.80 -1.67 -7.45
C ASP A 266 21.39 -0.29 -7.15
N GLY A 267 20.53 0.62 -6.69
CA GLY A 267 20.96 1.96 -6.36
C GLY A 267 21.72 2.01 -5.05
N ILE A 268 22.05 3.23 -4.61
CA ILE A 268 22.82 3.43 -3.37
C ILE A 268 22.19 2.88 -2.10
N TYR A 269 20.94 3.26 -1.82
CA TYR A 269 20.31 2.82 -0.59
C TYR A 269 19.89 1.36 -0.61
N GLY A 270 19.51 0.85 -1.79
CA GLY A 270 19.14 -0.53 -1.89
C GLY A 270 20.35 -1.37 -1.50
N ASN A 271 21.54 -0.94 -1.95
CA ASN A 271 22.78 -1.64 -1.64
C ASN A 271 23.25 -1.51 -0.20
N GLU A 272 23.10 -0.32 0.38
CA GLU A 272 23.49 -0.10 1.79
C GLU A 272 22.69 -1.01 2.74
N ILE A 273 21.37 -1.03 2.57
CA ILE A 273 20.49 -1.87 3.40
C ILE A 273 20.81 -3.37 3.26
N PHE A 274 21.08 -3.82 2.03
CA PHE A 274 21.42 -5.22 1.79
C PHE A 274 22.68 -5.60 2.58
N ASP A 275 23.73 -4.80 2.45
CA ASP A 275 24.98 -5.04 3.16
C ASP A 275 24.81 -5.03 4.68
N LEU A 276 23.99 -4.11 5.17
CA LEU A 276 23.75 -3.99 6.61
C LEU A 276 23.05 -5.24 7.13
N LEU A 277 22.00 -5.63 6.43
CA LEU A 277 21.22 -6.82 6.80
C LEU A 277 22.17 -8.03 6.79
N ALA A 278 23.00 -8.10 5.75
CA ALA A 278 23.96 -9.20 5.61
C ALA A 278 24.90 -9.24 6.82
N SER A 279 25.43 -8.09 7.22
CA SER A 279 26.31 -8.03 8.40
C SER A 279 25.56 -8.47 9.64
N ASN A 280 24.33 -8.00 9.77
CA ASN A 280 23.48 -8.34 10.92
C ASN A 280 23.21 -9.85 11.04
N ALA A 281 23.04 -10.54 9.92
CA ALA A 281 22.75 -11.98 9.93
C ALA A 281 24.03 -12.84 10.09
N GLY A 282 25.19 -12.19 10.03
CA GLY A 282 26.45 -12.90 10.14
C GLY A 282 26.99 -13.34 8.81
N CYS A 283 26.51 -12.70 7.75
CA CYS A 283 26.94 -13.02 6.40
C CYS A 283 27.88 -12.01 5.81
N GLY A 284 28.43 -11.13 6.65
CA GLY A 284 29.34 -10.11 6.16
C GLY A 284 30.56 -10.62 5.43
N SER A 285 31.02 -11.83 5.75
CA SER A 285 32.22 -12.41 5.13
C SER A 285 31.97 -13.45 4.01
N ALA A 286 30.72 -13.72 3.70
CA ALA A 286 30.39 -14.69 2.68
C ALA A 286 30.75 -14.12 1.31
N SER A 287 31.23 -14.97 0.43
CA SER A 287 31.57 -14.50 -0.91
C SER A 287 30.25 -14.27 -1.66
N ASP A 288 29.24 -15.04 -1.31
CA ASP A 288 27.91 -14.93 -1.90
C ASP A 288 27.00 -14.68 -0.71
N LYS A 289 26.77 -13.41 -0.40
CA LYS A 289 25.92 -13.04 0.72
C LYS A 289 24.49 -13.51 0.59
N LEU A 290 23.98 -13.55 -0.64
CA LEU A 290 22.61 -13.97 -0.89
C LEU A 290 22.36 -15.42 -0.45
N ALA A 291 23.24 -16.33 -0.87
CA ALA A 291 23.13 -17.74 -0.49
C ALA A 291 23.35 -17.87 1.02
N CYS A 292 24.19 -16.99 1.58
CA CYS A 292 24.41 -17.02 3.00
C CYS A 292 23.11 -16.63 3.72
N LEU A 293 22.41 -15.62 3.19
CA LEU A 293 21.15 -15.17 3.80
C LEU A 293 20.05 -16.24 3.70
N ARG A 294 20.09 -17.05 2.64
CA ARG A 294 19.10 -18.13 2.47
C ARG A 294 19.33 -19.27 3.47
N GLY A 295 20.56 -19.37 3.98
CA GLY A 295 20.88 -20.42 4.92
C GLY A 295 20.66 -20.12 6.39
N VAL A 296 20.53 -18.86 6.78
CA VAL A 296 20.33 -18.55 8.20
C VAL A 296 18.93 -18.92 8.66
N SER A 297 18.76 -19.14 9.95
CA SER A 297 17.44 -19.49 10.46
C SER A 297 16.49 -18.30 10.36
N SER A 298 15.20 -18.58 10.51
CA SER A 298 14.18 -17.56 10.48
C SER A 298 14.37 -16.57 11.61
N ASP A 299 14.78 -17.07 12.77
CA ASP A 299 15.00 -16.23 13.93
C ASP A 299 16.14 -15.27 13.66
N THR A 300 17.22 -15.81 13.11
CA THR A 300 18.40 -15.01 12.80
C THR A 300 18.03 -13.93 11.80
N LEU A 301 17.31 -14.32 10.76
CA LEU A 301 16.90 -13.38 9.72
C LEU A 301 15.96 -12.31 10.32
N GLU A 302 15.03 -12.75 11.16
CA GLU A 302 14.09 -11.83 11.78
C GLU A 302 14.85 -10.81 12.63
N ASP A 303 15.84 -11.27 13.36
CA ASP A 303 16.66 -10.43 14.20
C ASP A 303 17.44 -9.42 13.37
N ALA A 304 18.08 -9.91 12.34
CA ALA A 304 18.86 -9.07 11.45
C ALA A 304 18.01 -7.97 10.86
N THR A 305 16.77 -8.30 10.51
CA THR A 305 15.83 -7.34 9.91
C THR A 305 15.38 -6.29 10.92
N ASN A 306 15.17 -6.69 12.16
CA ASN A 306 14.74 -5.75 13.18
C ASN A 306 15.85 -4.80 13.57
N ASN A 307 17.04 -5.07 13.05
CA ASN A 307 18.19 -4.23 13.28
C ASN A 307 18.49 -3.35 12.08
N THR A 308 17.50 -3.24 11.20
CA THR A 308 17.59 -2.34 10.08
C THR A 308 16.40 -1.42 10.39
N PRO A 309 16.47 -0.14 9.97
CA PRO A 309 15.38 0.80 10.25
C PRO A 309 13.98 0.42 9.83
N GLY A 310 13.04 0.60 10.76
CA GLY A 310 11.63 0.36 10.51
C GLY A 310 11.03 1.72 10.17
N PHE A 311 9.82 1.75 9.59
CA PHE A 311 9.19 3.00 9.16
C PHE A 311 8.89 4.05 10.22
N LEU A 312 8.85 3.65 11.49
CA LEU A 312 8.60 4.58 12.59
C LEU A 312 9.87 5.06 13.23
N ALA A 313 11.01 4.46 12.85
CA ALA A 313 12.28 4.89 13.40
C ALA A 313 12.63 6.26 12.81
N TYR A 314 13.75 6.84 13.25
CA TYR A 314 14.18 8.17 12.77
C TYR A 314 14.18 8.34 11.25
N SER A 315 14.67 7.34 10.52
CA SER A 315 14.71 7.39 9.04
C SER A 315 13.34 7.65 8.43
N SER A 316 12.30 7.27 9.18
CA SER A 316 10.95 7.51 8.78
C SER A 316 10.60 6.94 7.40
N LEU A 317 10.05 7.78 6.52
CA LEU A 317 9.63 7.30 5.21
C LEU A 317 10.73 7.00 4.21
N ARG A 318 11.99 7.19 4.60
CA ARG A 318 13.11 6.82 3.72
C ARG A 318 13.21 5.33 4.08
N LEU A 319 12.27 4.56 3.55
CA LEU A 319 12.14 3.13 3.83
C LEU A 319 13.30 2.24 3.45
N SER A 320 13.57 1.28 4.33
CA SER A 320 14.62 0.31 4.08
C SER A 320 14.15 -0.68 2.99
N TYR A 321 12.85 -1.00 2.97
CA TYR A 321 12.26 -1.95 2.01
C TYR A 321 11.01 -1.34 1.34
N LEU A 322 10.99 -1.32 0.01
CA LEU A 322 9.87 -0.75 -0.76
C LEU A 322 10.08 -1.08 -2.25
N PRO A 323 9.04 -0.93 -3.09
CA PRO A 323 9.18 -1.23 -4.53
C PRO A 323 10.23 -0.33 -5.19
N ARG A 324 11.06 -0.90 -6.05
CA ARG A 324 12.09 -0.15 -6.75
C ARG A 324 12.17 -0.58 -8.20
N PRO A 325 12.38 0.38 -9.11
CA PRO A 325 12.48 0.01 -10.53
C PRO A 325 13.61 -1.02 -10.71
N ASP A 326 13.35 -2.06 -11.49
CA ASP A 326 14.34 -3.11 -11.72
C ASP A 326 14.78 -3.22 -13.17
N GLY A 327 14.19 -2.43 -14.06
CA GLY A 327 14.56 -2.49 -15.45
C GLY A 327 13.93 -3.65 -16.19
N VAL A 328 13.20 -4.52 -15.49
CA VAL A 328 12.54 -5.65 -16.14
C VAL A 328 11.02 -5.61 -16.00
N ASN A 329 10.48 -5.65 -14.78
CA ASN A 329 9.02 -5.59 -14.57
C ASN A 329 8.56 -4.15 -14.35
N ILE A 330 9.39 -3.37 -13.67
CA ILE A 330 9.14 -1.94 -13.48
C ILE A 330 10.40 -1.41 -14.16
N THR A 331 10.26 -1.13 -15.46
CA THR A 331 11.37 -0.71 -16.32
C THR A 331 12.12 0.58 -16.05
N ASP A 332 11.52 1.50 -15.29
CA ASP A 332 12.19 2.76 -15.08
C ASP A 332 11.55 3.50 -13.91
N ASP A 333 12.13 4.66 -13.63
CA ASP A 333 11.68 5.64 -12.66
C ASP A 333 10.15 5.69 -12.84
N MET A 334 9.39 5.50 -11.76
CA MET A 334 7.94 5.48 -11.88
C MET A 334 7.28 6.78 -12.31
N TYR A 335 7.91 7.91 -12.04
CA TYR A 335 7.37 9.21 -12.46
C TYR A 335 7.55 9.34 -13.97
N ALA A 336 8.64 8.81 -14.48
CA ALA A 336 8.94 8.82 -15.89
C ALA A 336 7.98 7.90 -16.66
N LEU A 337 7.66 6.74 -16.08
CA LEU A 337 6.74 5.79 -16.74
C LEU A 337 5.39 6.44 -16.98
N VAL A 338 4.94 7.23 -15.98
CA VAL A 338 3.69 7.97 -16.04
C VAL A 338 3.73 9.09 -17.10
N ARG A 339 4.85 9.81 -17.23
CA ARG A 339 4.96 10.87 -18.24
C ARG A 339 5.01 10.24 -19.64
N GLU A 340 5.63 9.06 -19.73
CA GLU A 340 5.77 8.37 -21.00
C GLU A 340 4.60 7.49 -21.48
N GLY A 341 3.52 7.43 -20.70
CA GLY A 341 2.35 6.66 -21.09
C GLY A 341 2.42 5.15 -20.94
N LYS A 342 3.39 4.67 -20.18
CA LYS A 342 3.59 3.24 -19.96
C LYS A 342 2.75 2.72 -18.78
N TYR A 343 1.45 2.68 -18.99
CA TYR A 343 0.54 2.22 -17.94
C TYR A 343 -0.64 1.56 -18.61
N ALA A 344 -1.40 0.80 -17.82
CA ALA A 344 -2.59 0.15 -18.32
C ALA A 344 -3.64 1.26 -18.42
N ASN A 345 -4.50 1.18 -19.43
CA ASN A 345 -5.52 2.18 -19.65
C ASN A 345 -6.83 1.81 -18.97
N ILE A 346 -6.99 2.25 -17.72
CA ILE A 346 -8.18 1.94 -16.94
C ILE A 346 -8.71 3.13 -16.15
N PRO A 347 -10.00 3.10 -15.81
CA PRO A 347 -10.60 4.19 -15.03
C PRO A 347 -10.10 4.00 -13.59
N VAL A 348 -9.85 5.09 -12.89
CA VAL A 348 -9.34 5.02 -11.53
C VAL A 348 -9.95 6.05 -10.59
N ILE A 349 -9.78 5.78 -9.30
CA ILE A 349 -10.20 6.66 -8.23
C ILE A 349 -8.93 6.71 -7.37
N ILE A 350 -8.45 7.90 -7.07
CA ILE A 350 -7.28 8.04 -6.23
C ILE A 350 -7.55 9.20 -5.29
N GLY A 351 -7.38 8.99 -4.00
CA GLY A 351 -7.62 10.05 -3.05
C GLY A 351 -6.66 10.05 -1.87
N ASP A 352 -6.83 11.01 -0.96
CA ASP A 352 -5.96 11.15 0.21
C ASP A 352 -6.70 11.63 1.43
N GLN A 353 -6.04 11.46 2.57
CA GLN A 353 -6.53 11.95 3.85
C GLN A 353 -5.81 13.31 3.94
N ASN A 354 -6.47 14.32 4.47
CA ASN A 354 -5.89 15.65 4.54
C ASN A 354 -4.49 15.73 5.18
N ASP A 355 -4.27 14.96 6.25
CA ASP A 355 -3.02 15.01 6.98
C ASP A 355 -2.23 13.70 7.04
N GLU A 356 -1.84 13.21 5.87
CA GLU A 356 -1.11 11.96 5.71
C GLU A 356 0.22 11.88 6.48
N GLY A 357 0.92 13.00 6.59
CA GLY A 357 2.23 12.97 7.23
C GLY A 357 2.38 13.14 8.73
N THR A 358 1.31 13.51 9.44
CA THR A 358 1.44 13.74 10.89
C THR A 358 1.95 12.58 11.73
N PHE A 359 1.43 11.38 11.51
CA PHE A 359 1.87 10.22 12.29
C PHE A 359 3.36 9.94 12.08
N PHE A 360 3.79 10.05 10.84
CA PHE A 360 5.17 9.82 10.48
C PHE A 360 6.08 10.95 10.98
N GLY A 361 5.51 12.16 11.11
CA GLY A 361 6.29 13.29 11.56
C GLY A 361 6.68 13.13 13.02
N THR A 362 6.05 12.21 13.74
CA THR A 362 6.40 12.00 15.13
C THR A 362 7.74 11.26 15.28
N SER A 363 8.27 10.74 14.17
CA SER A 363 9.53 10.02 14.17
C SER A 363 10.78 10.90 14.28
N SER A 364 10.62 12.20 14.07
CA SER A 364 11.74 13.14 14.12
C SER A 364 11.52 14.31 15.07
N LEU A 365 10.88 14.05 16.21
CA LEU A 365 10.59 15.11 17.18
C LEU A 365 11.82 15.67 17.93
N ASN A 366 13.03 15.21 17.57
CA ASN A 366 14.25 15.73 18.19
C ASN A 366 14.86 16.77 17.24
N VAL A 367 14.17 17.02 16.15
CA VAL A 367 14.59 18.02 15.18
C VAL A 367 13.74 19.24 15.58
N THR A 368 14.38 20.31 16.05
CA THR A 368 13.65 21.48 16.54
C THR A 368 14.01 22.83 15.91
N THR A 369 15.22 22.95 15.37
CA THR A 369 15.63 24.20 14.75
C THR A 369 15.68 24.04 13.25
N ASP A 370 15.72 25.15 12.53
CA ASP A 370 15.80 25.12 11.08
C ASP A 370 17.08 24.47 10.61
N ALA A 371 18.17 24.67 11.36
CA ALA A 371 19.44 24.08 10.99
C ALA A 371 19.32 22.56 11.09
N GLN A 372 18.64 22.06 12.12
CA GLN A 372 18.46 20.62 12.24
C GLN A 372 17.53 20.10 11.13
N ALA A 373 16.50 20.87 10.75
CA ALA A 373 15.54 20.48 9.70
C ALA A 373 16.26 20.32 8.35
N ARG A 374 17.08 21.32 8.00
CA ARG A 374 17.85 21.29 6.75
C ARG A 374 18.76 20.07 6.68
N GLU A 375 19.35 19.71 7.80
CA GLU A 375 20.25 18.57 7.85
C GLU A 375 19.50 17.25 7.72
N TYR A 376 18.33 17.18 8.34
CA TYR A 376 17.51 15.97 8.27
C TYR A 376 17.05 15.78 6.83
N PHE A 377 16.69 16.87 6.16
CA PHE A 377 16.26 16.79 4.77
C PHE A 377 17.42 16.37 3.89
N LYS A 378 18.61 16.93 4.12
CA LYS A 378 19.84 16.60 3.36
C LYS A 378 20.17 15.11 3.48
N GLN A 379 20.10 14.62 4.72
CA GLN A 379 20.36 13.23 5.05
C GLN A 379 19.35 12.30 4.38
N SER A 380 18.10 12.74 4.30
CA SER A 380 17.03 11.95 3.71
C SER A 380 17.00 11.93 2.18
N PHE A 381 17.33 13.06 1.57
CA PHE A 381 17.33 13.15 0.11
C PHE A 381 18.76 13.27 -0.40
N VAL A 382 19.43 12.14 -0.61
CA VAL A 382 20.81 12.15 -1.05
C VAL A 382 21.08 12.77 -2.42
N HIS A 383 20.05 12.88 -3.26
CA HIS A 383 20.20 13.42 -4.60
C HIS A 383 19.87 14.92 -4.72
N ALA A 384 19.40 15.54 -3.65
CA ALA A 384 19.04 16.95 -3.70
C ALA A 384 20.20 17.90 -3.46
N SER A 385 20.27 18.91 -4.32
CA SER A 385 21.30 19.95 -4.23
C SER A 385 20.87 20.92 -3.13
N ASP A 386 21.79 21.75 -2.66
CA ASP A 386 21.46 22.72 -1.62
C ASP A 386 20.41 23.71 -2.07
N ALA A 387 20.41 24.05 -3.35
CA ALA A 387 19.44 24.97 -3.90
C ALA A 387 18.05 24.34 -3.79
N GLU A 388 17.95 23.06 -4.14
CA GLU A 388 16.68 22.34 -4.07
C GLU A 388 16.18 22.26 -2.64
N ILE A 389 17.11 22.06 -1.71
CA ILE A 389 16.78 21.98 -0.28
C ILE A 389 16.30 23.36 0.18
N ASP A 390 16.94 24.41 -0.31
CA ASP A 390 16.53 25.75 0.07
C ASP A 390 15.14 26.05 -0.48
N THR A 391 14.85 25.53 -1.67
CA THR A 391 13.55 25.75 -2.29
C THR A 391 12.47 25.03 -1.50
N LEU A 392 12.76 23.81 -1.08
CA LEU A 392 11.79 23.03 -0.32
C LEU A 392 11.45 23.74 1.00
N MET A 393 12.47 24.31 1.64
CA MET A 393 12.29 25.00 2.91
C MET A 393 11.66 26.39 2.82
N THR A 394 11.48 26.86 1.59
CA THR A 394 10.84 28.15 1.32
C THR A 394 9.38 27.81 1.02
N ALA A 395 9.17 26.73 0.28
CA ALA A 395 7.83 26.25 -0.07
C ALA A 395 7.15 25.66 1.17
N TYR A 396 7.94 25.06 2.08
CA TYR A 396 7.41 24.50 3.33
C TYR A 396 8.19 25.20 4.42
N PRO A 397 7.73 26.40 4.81
CA PRO A 397 8.29 27.29 5.82
C PRO A 397 8.12 26.88 7.29
N GLY A 398 8.93 27.50 8.14
CA GLY A 398 8.90 27.23 9.56
C GLY A 398 7.58 27.61 10.18
N ASP A 399 6.94 28.64 9.63
CA ASP A 399 5.65 29.14 10.09
C ASP A 399 4.68 28.02 10.53
N ILE A 400 4.52 27.85 11.83
CA ILE A 400 3.65 26.78 12.35
C ILE A 400 2.20 26.80 11.88
N THR A 401 1.72 27.95 11.45
CA THR A 401 0.34 27.99 11.00
C THR A 401 0.18 27.36 9.61
N GLN A 402 1.31 27.21 8.92
CA GLN A 402 1.35 26.67 7.55
C GLN A 402 1.42 25.14 7.40
N GLY A 403 1.83 24.47 8.47
CA GLY A 403 2.00 23.03 8.40
C GLY A 403 0.80 22.15 8.68
N SER A 404 1.07 20.84 8.74
CA SER A 404 0.08 19.81 8.99
C SER A 404 0.15 19.40 10.46
N PRO A 405 -1.00 19.21 11.12
CA PRO A 405 -2.40 19.29 10.68
C PRO A 405 -2.78 20.63 10.06
N PHE A 406 -3.16 20.58 8.79
CA PHE A 406 -3.51 21.79 8.08
C PHE A 406 -4.67 22.57 8.65
N ASP A 407 -4.55 23.89 8.57
CA ASP A 407 -5.53 24.85 9.05
C ASP A 407 -5.78 24.75 10.55
N THR A 408 -4.73 24.59 11.35
CA THR A 408 -4.94 24.49 12.78
C THR A 408 -4.22 25.62 13.54
N GLY A 409 -3.77 26.63 12.77
CA GLY A 409 -3.11 27.76 13.38
C GLY A 409 -1.90 27.46 14.23
N ILE A 410 -1.89 27.98 15.46
CA ILE A 410 -0.77 27.77 16.37
C ILE A 410 -0.87 26.51 17.20
N LEU A 411 -1.92 25.74 16.99
CA LEU A 411 -2.07 24.51 17.74
C LEU A 411 -1.19 23.42 17.14
N ASN A 412 -0.95 22.38 17.95
CA ASN A 412 -0.18 21.21 17.54
C ASN A 412 1.28 21.49 17.33
N ALA A 413 1.82 22.43 18.07
CA ALA A 413 3.23 22.75 17.89
C ALA A 413 4.07 21.87 18.82
N LEU A 414 4.17 20.59 18.52
CA LEU A 414 4.93 19.65 19.36
C LEU A 414 6.38 20.16 19.41
N THR A 415 6.84 20.72 18.29
CA THR A 415 8.16 21.33 18.17
C THR A 415 7.95 22.40 17.10
N PRO A 416 8.95 23.28 16.91
CA PRO A 416 8.81 24.34 15.90
C PRO A 416 8.86 23.79 14.45
N GLN A 417 9.28 22.53 14.28
CA GLN A 417 9.40 21.90 12.95
C GLN A 417 8.42 20.76 12.62
N PHE A 418 7.73 20.24 13.62
CA PHE A 418 6.79 19.11 13.43
C PHE A 418 5.77 19.26 12.31
N LYS A 419 5.02 20.35 12.33
CA LYS A 419 3.98 20.57 11.35
C LYS A 419 4.57 20.75 9.95
N ARG A 420 5.78 21.24 9.91
CA ARG A 420 6.50 21.48 8.66
C ARG A 420 6.97 20.14 8.06
N ILE A 421 7.64 19.33 8.88
CA ILE A 421 8.15 18.03 8.46
C ILE A 421 6.95 17.16 8.05
N SER A 422 5.85 17.21 8.82
CA SER A 422 4.65 16.46 8.51
C SER A 422 4.08 16.89 7.14
N ALA A 423 4.13 18.19 6.84
CA ALA A 423 3.60 18.69 5.56
C ALA A 423 4.38 18.13 4.38
N VAL A 424 5.70 18.07 4.50
CA VAL A 424 6.58 17.54 3.45
C VAL A 424 6.33 16.04 3.24
N LEU A 425 6.38 15.28 4.33
CA LEU A 425 6.15 13.83 4.30
C LEU A 425 4.83 13.47 3.62
N GLY A 426 3.75 14.13 4.00
CA GLY A 426 2.45 13.84 3.43
C GLY A 426 2.33 14.21 1.95
N ASP A 427 2.92 15.34 1.57
CA ASP A 427 2.84 15.80 0.19
C ASP A 427 3.66 14.98 -0.81
N LEU A 428 4.92 14.77 -0.51
CA LEU A 428 5.80 14.00 -1.38
C LEU A 428 5.41 12.52 -1.40
N GLY A 429 5.11 11.97 -0.22
CA GLY A 429 4.77 10.57 -0.15
C GLY A 429 3.39 10.22 -0.69
N PHE A 430 2.44 11.15 -0.63
CA PHE A 430 1.09 10.83 -1.07
C PHE A 430 0.31 11.89 -1.85
N THR A 431 -0.10 12.93 -1.13
CA THR A 431 -0.96 13.99 -1.65
C THR A 431 -0.61 14.74 -2.94
N LEU A 432 0.62 15.24 -3.04
CA LEU A 432 0.99 15.96 -4.24
C LEU A 432 1.47 14.99 -5.31
N ALA A 433 1.89 13.81 -4.87
CA ALA A 433 2.30 12.74 -5.78
C ALA A 433 1.04 12.35 -6.59
N ARG A 434 -0.11 12.30 -5.91
CA ARG A 434 -1.40 12.00 -6.55
C ARG A 434 -1.70 13.01 -7.66
N ARG A 435 -1.49 14.30 -7.36
CA ARG A 435 -1.74 15.37 -8.32
C ARG A 435 -0.86 15.19 -9.56
N TYR A 436 0.39 14.77 -9.35
CA TYR A 436 1.32 14.56 -10.47
C TYR A 436 0.79 13.44 -11.38
N PHE A 437 0.31 12.37 -10.77
CA PHE A 437 -0.24 11.27 -11.52
C PHE A 437 -1.44 11.76 -12.33
N LEU A 438 -2.37 12.41 -11.65
CA LEU A 438 -3.58 12.91 -12.28
C LEU A 438 -3.34 13.87 -13.42
N ASN A 439 -2.33 14.73 -13.29
CA ASN A 439 -2.02 15.67 -14.36
C ASN A 439 -1.38 15.02 -15.60
N HIS A 440 -0.83 13.81 -15.47
CA HIS A 440 -0.20 13.14 -16.62
C HIS A 440 -0.93 11.92 -17.17
N TYR A 441 -1.76 11.32 -16.34
CA TYR A 441 -2.49 10.11 -16.73
C TYR A 441 -3.65 10.34 -17.68
N THR A 442 -3.63 9.68 -18.83
CA THR A 442 -4.72 9.79 -19.81
C THR A 442 -5.32 8.41 -20.12
N GLY A 443 -4.94 7.43 -19.29
CA GLY A 443 -5.39 6.06 -19.46
C GLY A 443 -6.88 5.78 -19.41
N GLY A 444 -7.62 6.55 -18.61
CA GLY A 444 -9.05 6.34 -18.50
C GLY A 444 -9.64 7.46 -17.67
N THR A 445 -10.92 7.36 -17.30
CA THR A 445 -11.58 8.38 -16.50
C THR A 445 -10.99 8.43 -15.10
N LYS A 446 -10.82 9.62 -14.56
CA LYS A 446 -10.25 9.79 -13.22
C LYS A 446 -11.20 10.47 -12.25
N TYR A 447 -11.21 9.98 -11.02
CA TYR A 447 -12.03 10.54 -9.95
C TYR A 447 -11.08 10.71 -8.78
N SER A 448 -11.17 11.81 -8.05
CA SER A 448 -10.28 12.02 -6.92
C SER A 448 -11.04 12.57 -5.72
N PHE A 449 -10.62 12.18 -4.51
CA PHE A 449 -11.26 12.67 -3.28
C PHE A 449 -10.22 13.14 -2.26
N LEU A 450 -10.65 13.94 -1.30
CA LEU A 450 -9.77 14.41 -0.25
C LEU A 450 -10.61 14.41 1.00
N SER A 451 -10.18 13.68 2.03
CA SER A 451 -10.93 13.63 3.27
C SER A 451 -10.45 14.57 4.37
N LYS A 452 -11.39 15.26 5.00
CA LYS A 452 -11.13 16.17 6.10
C LYS A 452 -12.08 15.75 7.21
N GLN A 453 -12.50 14.48 7.14
CA GLN A 453 -13.44 13.89 8.08
C GLN A 453 -13.06 14.04 9.54
N LEU A 454 -11.77 14.04 9.83
CA LEU A 454 -11.33 14.16 11.21
C LEU A 454 -10.74 15.53 11.62
N SER A 455 -11.07 16.58 10.86
CA SER A 455 -10.61 17.92 11.17
C SER A 455 -10.89 18.21 12.63
N GLY A 456 -9.89 18.69 13.35
CA GLY A 456 -10.08 18.97 14.75
C GLY A 456 -9.46 17.94 15.66
N LEU A 457 -9.13 16.76 15.14
CA LEU A 457 -8.47 15.74 15.97
C LEU A 457 -7.08 16.25 16.33
N PRO A 458 -6.80 16.44 17.63
CA PRO A 458 -5.50 16.94 18.06
C PRO A 458 -4.32 16.12 17.59
N VAL A 459 -3.23 16.85 17.32
CA VAL A 459 -1.95 16.31 16.88
C VAL A 459 -1.95 15.68 15.50
N LEU A 460 -2.88 14.78 15.24
CA LEU A 460 -2.92 14.08 13.96
C LEU A 460 -3.80 14.59 12.83
N GLY A 461 -4.95 15.19 13.14
CA GLY A 461 -5.84 15.64 12.09
C GLY A 461 -6.44 14.45 11.35
N THR A 462 -6.75 14.60 10.07
CA THR A 462 -7.30 13.48 9.29
C THR A 462 -6.06 12.68 8.80
N PHE A 463 -5.54 11.86 9.71
CA PHE A 463 -4.31 11.07 9.49
C PHE A 463 -4.43 9.81 8.64
N HIS A 464 -3.27 9.28 8.25
CA HIS A 464 -3.21 8.11 7.39
C HIS A 464 -3.86 6.88 8.01
N SER A 465 -4.59 6.13 7.18
CA SER A 465 -5.29 4.90 7.60
C SER A 465 -6.62 5.07 8.30
N ASN A 466 -7.03 6.28 8.67
CA ASN A 466 -8.32 6.43 9.33
C ASN A 466 -9.43 5.92 8.42
N ASP A 467 -9.17 5.95 7.11
CA ASP A 467 -10.16 5.47 6.14
C ASP A 467 -10.45 3.97 6.31
N ILE A 468 -9.47 3.20 6.77
CA ILE A 468 -9.66 1.77 7.03
C ILE A 468 -10.74 1.57 8.08
N VAL A 469 -10.75 2.42 9.11
CA VAL A 469 -11.75 2.34 10.18
C VAL A 469 -13.17 2.53 9.61
N PHE A 470 -13.36 3.56 8.79
CA PHE A 470 -14.67 3.85 8.21
C PHE A 470 -15.05 3.02 6.99
N GLN A 471 -14.16 2.12 6.61
CA GLN A 471 -14.41 1.24 5.48
C GLN A 471 -14.69 -0.21 5.96
N ASP A 472 -14.06 -0.60 7.08
CA ASP A 472 -14.15 -1.98 7.59
C ASP A 472 -14.68 -2.15 9.00
N TYR A 473 -14.67 -1.10 9.83
CA TYR A 473 -15.09 -1.19 11.23
C TYR A 473 -16.25 -0.34 11.71
N LEU A 474 -16.20 0.96 11.44
CA LEU A 474 -17.24 1.88 11.87
C LEU A 474 -17.86 2.56 10.68
N LEU A 475 -19.10 3.01 10.87
CA LEU A 475 -19.84 3.76 9.84
C LEU A 475 -19.67 5.24 10.17
N GLY A 476 -19.40 6.04 9.14
CA GLY A 476 -19.25 7.48 9.31
C GLY A 476 -19.52 8.12 7.95
N SER A 477 -19.42 9.45 7.85
CA SER A 477 -19.69 10.10 6.57
C SER A 477 -18.77 9.55 5.49
N GLY A 478 -17.55 9.18 5.90
CA GLY A 478 -16.55 8.63 4.99
C GLY A 478 -16.95 7.30 4.37
N SER A 479 -17.72 6.50 5.10
CA SER A 479 -18.19 5.18 4.63
C SER A 479 -18.96 5.34 3.32
N LEU A 480 -19.60 6.49 3.12
CA LEU A 480 -20.35 6.80 1.91
C LEU A 480 -19.46 6.69 0.70
N ILE A 481 -18.17 7.00 0.88
CA ILE A 481 -17.21 6.93 -0.21
C ILE A 481 -16.48 5.59 -0.15
N TYR A 482 -15.91 5.28 1.02
CA TYR A 482 -15.12 4.06 1.19
C TYR A 482 -15.89 2.77 0.92
N ASN A 483 -17.21 2.79 1.10
CA ASN A 483 -18.02 1.62 0.81
C ASN A 483 -18.89 1.89 -0.40
N ASN A 484 -19.96 2.66 -0.21
CA ASN A 484 -20.90 2.93 -1.29
C ASN A 484 -20.31 3.30 -2.65
N ALA A 485 -19.59 4.42 -2.72
CA ALA A 485 -19.03 4.88 -3.97
C ALA A 485 -18.08 3.87 -4.62
N PHE A 486 -17.24 3.24 -3.78
CA PHE A 486 -16.28 2.27 -4.25
C PHE A 486 -16.95 1.05 -4.85
N ILE A 487 -18.05 0.64 -4.22
CA ILE A 487 -18.84 -0.50 -4.68
C ILE A 487 -19.48 -0.17 -6.05
N ALA A 488 -20.00 1.05 -6.20
CA ALA A 488 -20.63 1.49 -7.46
C ALA A 488 -19.59 1.56 -8.59
N PHE A 489 -18.37 1.98 -8.23
CA PHE A 489 -17.26 2.05 -9.18
C PHE A 489 -16.89 0.62 -9.62
N ALA A 490 -16.72 -0.29 -8.67
CA ALA A 490 -16.37 -1.67 -9.00
C ALA A 490 -17.46 -2.34 -9.85
N THR A 491 -18.70 -1.92 -9.69
CA THR A 491 -19.82 -2.49 -10.42
C THR A 491 -20.09 -1.86 -11.79
N ASP A 492 -20.13 -0.53 -11.86
CA ASP A 492 -20.45 0.17 -13.10
C ASP A 492 -19.36 1.05 -13.67
N LEU A 493 -18.23 1.14 -12.97
CA LEU A 493 -17.09 1.98 -13.39
C LEU A 493 -17.41 3.47 -13.31
N ASP A 494 -18.39 3.80 -12.45
CA ASP A 494 -18.81 5.16 -12.22
C ASP A 494 -19.33 5.21 -10.79
N PRO A 495 -18.65 5.96 -9.92
CA PRO A 495 -19.03 6.10 -8.51
C PRO A 495 -20.40 6.77 -8.36
N ASN A 496 -20.83 7.47 -9.40
CA ASN A 496 -22.11 8.16 -9.34
C ASN A 496 -23.34 7.26 -9.39
N THR A 497 -23.18 5.98 -9.68
CA THR A 497 -24.35 5.11 -9.68
C THR A 497 -24.77 4.78 -8.25
N ALA A 498 -23.93 5.12 -7.25
CA ALA A 498 -24.23 4.86 -5.83
C ALA A 498 -25.41 5.68 -5.36
N GLY A 499 -25.78 6.68 -6.14
CA GLY A 499 -26.91 7.51 -5.78
C GLY A 499 -26.66 8.41 -4.59
N LEU A 500 -25.53 9.10 -4.60
CA LEU A 500 -25.20 10.00 -3.51
C LEU A 500 -25.84 11.33 -3.88
N LEU A 501 -26.03 12.19 -2.90
CA LEU A 501 -26.64 13.49 -3.16
C LEU A 501 -25.66 14.44 -3.85
N VAL A 502 -24.38 14.33 -3.51
CA VAL A 502 -23.36 15.17 -4.14
C VAL A 502 -22.76 14.40 -5.31
N LYS A 503 -22.88 14.97 -6.51
CA LYS A 503 -22.35 14.38 -7.74
C LYS A 503 -20.83 14.48 -7.68
N TRP A 504 -20.16 13.38 -8.01
CA TRP A 504 -18.71 13.32 -8.02
C TRP A 504 -18.23 13.69 -9.41
N PRO A 505 -17.60 14.88 -9.56
CA PRO A 505 -17.11 15.31 -10.87
C PRO A 505 -15.82 14.63 -11.31
N GLU A 506 -15.70 14.47 -12.61
CA GLU A 506 -14.54 13.86 -13.22
C GLU A 506 -13.36 14.80 -13.06
N TYR A 507 -12.18 14.25 -12.82
CA TYR A 507 -11.00 15.07 -12.65
C TYR A 507 -10.25 15.03 -13.98
N THR A 508 -9.94 16.20 -14.55
CA THR A 508 -9.16 16.23 -15.80
C THR A 508 -7.74 16.77 -15.56
N SER A 509 -7.62 17.86 -14.81
CA SER A 509 -6.30 18.43 -14.46
C SER A 509 -6.46 19.36 -13.24
N SER A 510 -5.36 19.65 -12.56
CA SER A 510 -5.42 20.48 -11.36
C SER A 510 -5.66 21.95 -11.72
N SER A 511 -5.49 22.29 -13.00
CA SER A 511 -5.69 23.65 -13.46
C SER A 511 -7.08 23.85 -14.06
N GLN A 512 -7.90 22.81 -14.05
CA GLN A 512 -9.24 22.92 -14.62
C GLN A 512 -10.09 23.88 -13.81
N SER A 513 -11.05 24.50 -14.49
CA SER A 513 -11.97 25.43 -13.85
C SER A 513 -13.08 24.57 -13.28
N GLY A 514 -13.58 24.94 -12.10
CA GLY A 514 -14.62 24.16 -11.48
C GLY A 514 -14.04 23.15 -10.52
N ASN A 515 -14.87 22.71 -9.58
CA ASN A 515 -14.46 21.75 -8.58
C ASN A 515 -14.12 20.42 -9.24
N ASN A 516 -13.05 19.78 -8.77
CA ASN A 516 -12.64 18.50 -9.32
C ASN A 516 -12.35 17.44 -8.25
N LEU A 517 -12.58 17.79 -6.98
CA LEU A 517 -12.34 16.89 -5.87
C LEU A 517 -13.60 16.60 -5.07
N MET A 518 -13.82 15.33 -4.72
CA MET A 518 -14.94 14.94 -3.87
C MET A 518 -14.34 15.12 -2.47
N MET A 519 -15.07 15.79 -1.59
CA MET A 519 -14.56 16.04 -0.27
C MET A 519 -15.47 15.53 0.83
N ILE A 520 -14.85 15.16 1.94
CA ILE A 520 -15.56 14.61 3.08
C ILE A 520 -15.24 15.35 4.37
N ASN A 521 -16.28 15.73 5.11
CA ASN A 521 -16.09 16.33 6.43
C ASN A 521 -16.95 15.47 7.37
N ALA A 522 -16.96 15.79 8.66
CA ALA A 522 -17.74 15.03 9.63
C ALA A 522 -19.24 14.89 9.32
N LEU A 523 -19.82 15.87 8.64
CA LEU A 523 -21.25 15.88 8.31
C LEU A 523 -21.61 15.18 7.01
N GLY A 524 -20.69 15.22 6.05
CA GLY A 524 -20.97 14.58 4.78
C GLY A 524 -20.01 14.92 3.67
N LEU A 525 -20.58 15.08 2.49
CA LEU A 525 -19.83 15.35 1.28
C LEU A 525 -20.09 16.73 0.66
N TYR A 526 -19.10 17.23 -0.08
CA TYR A 526 -19.16 18.51 -0.79
C TYR A 526 -17.99 18.47 -1.79
N THR A 527 -17.94 19.39 -2.74
CA THR A 527 -16.84 19.37 -3.71
C THR A 527 -15.87 20.54 -3.50
N GLY A 528 -14.66 20.40 -4.00
CA GLY A 528 -13.65 21.44 -3.83
C GLY A 528 -12.65 21.39 -4.96
N LYS A 529 -11.56 22.12 -4.81
CA LYS A 529 -10.53 22.21 -5.84
C LYS A 529 -9.16 21.70 -5.38
N ASP A 530 -8.42 21.12 -6.32
CA ASP A 530 -7.10 20.56 -6.06
C ASP A 530 -6.05 21.58 -6.49
N ASN A 531 -6.11 22.76 -5.87
CA ASN A 531 -5.19 23.86 -6.21
C ASN A 531 -4.36 24.36 -5.02
N PHE A 532 -4.29 23.56 -3.96
CA PHE A 532 -3.55 23.95 -2.79
C PHE A 532 -2.07 23.57 -2.89
N ARG A 533 -1.24 24.31 -2.15
CA ARG A 533 0.21 24.13 -2.10
C ARG A 533 0.90 23.91 -3.45
N THR A 534 0.61 24.81 -4.39
CA THR A 534 1.20 24.74 -5.72
C THR A 534 2.70 24.95 -5.67
N ALA A 535 3.14 25.76 -4.71
CA ALA A 535 4.58 26.03 -4.54
C ALA A 535 5.32 24.77 -4.14
N GLY A 536 4.72 23.99 -3.25
CA GLY A 536 5.32 22.74 -2.81
C GLY A 536 5.39 21.75 -3.95
N TYR A 537 4.34 21.71 -4.77
CA TYR A 537 4.29 20.82 -5.91
C TYR A 537 5.48 21.08 -6.82
N ASP A 538 5.73 22.34 -7.18
CA ASP A 538 6.86 22.67 -8.04
C ASP A 538 8.20 22.38 -7.38
N ALA A 539 8.30 22.68 -6.09
CA ALA A 539 9.54 22.45 -5.34
C ALA A 539 9.90 20.95 -5.41
N LEU A 540 8.86 20.13 -5.26
CA LEU A 540 8.99 18.68 -5.24
C LEU A 540 9.13 18.04 -6.61
N PHE A 541 8.27 18.44 -7.52
CA PHE A 541 8.23 17.80 -8.81
C PHE A 541 8.85 18.44 -10.04
N SER A 542 9.56 19.54 -9.88
CA SER A 542 10.23 20.16 -11.02
C SER A 542 11.18 19.09 -11.58
N ASN A 543 11.84 18.38 -10.68
CA ASN A 543 12.73 17.31 -11.06
C ASN A 543 12.53 16.24 -9.99
N PRO A 544 11.53 15.40 -10.18
CA PRO A 544 11.23 14.34 -9.23
C PRO A 544 12.40 13.51 -8.68
N PRO A 545 13.33 13.07 -9.55
CA PRO A 545 14.46 12.28 -9.03
C PRO A 545 15.35 12.91 -7.97
N SER A 546 15.24 14.22 -7.72
CA SER A 546 16.07 14.85 -6.71
C SER A 546 15.63 14.47 -5.30
N PHE A 547 14.37 14.00 -5.17
CA PHE A 547 13.82 13.61 -3.88
C PHE A 547 13.52 12.12 -3.75
N PHE A 548 14.18 11.30 -4.57
CA PHE A 548 14.01 9.84 -4.54
C PHE A 548 14.84 9.25 -3.40
N VAL A 549 14.41 8.08 -2.91
CA VAL A 549 15.11 7.39 -1.85
C VAL A 549 15.69 6.09 -2.38
C1 NAG B . 17.73 12.55 16.46
C2 NAG B . 19.07 13.19 16.12
C3 NAG B . 19.89 12.33 15.15
C4 NAG B . 19.91 10.84 15.60
C5 NAG B . 18.48 10.35 15.76
C6 NAG B . 18.29 8.88 16.02
C7 NAG B . 19.04 15.63 15.99
C8 NAG B . 18.73 16.90 15.20
N2 NAG B . 18.80 14.46 15.42
O3 NAG B . 21.19 12.79 15.04
O4 NAG B . 20.57 10.10 14.56
O5 NAG B . 17.86 11.14 16.81
O6 NAG B . 18.94 8.53 17.19
O7 NAG B . 19.49 15.73 17.13
C1 NAG B . 21.45 9.06 14.93
C2 NAG B . 21.81 8.27 13.68
C3 NAG B . 22.95 7.29 14.01
C4 NAG B . 24.17 7.93 14.70
C5 NAG B . 23.61 8.70 15.93
C6 NAG B . 24.70 9.49 16.69
C7 NAG B . 20.14 7.77 11.98
C8 NAG B . 18.99 6.92 11.55
N2 NAG B . 20.67 7.49 13.16
O3 NAG B . 23.47 6.71 12.85
O4 NAG B . 25.12 6.90 15.04
O5 NAG B . 22.60 9.64 15.48
O6 NAG B . 25.16 10.56 15.85
O7 NAG B . 20.56 8.66 11.26
C1 NAG C . 8.78 -9.70 -15.48
C2 NAG C . 7.55 -10.61 -15.68
C3 NAG C . 8.00 -11.79 -16.63
C4 NAG C . 8.51 -11.28 -17.95
C5 NAG C . 9.72 -10.32 -17.70
C6 NAG C . 10.25 -9.63 -19.03
C7 NAG C . 5.70 -10.93 -14.08
C8 NAG C . 5.21 -11.48 -12.74
N2 NAG C . 6.97 -11.10 -14.42
O3 NAG C . 6.94 -12.69 -16.96
O4 NAG C . 8.84 -12.43 -18.72
O5 NAG C . 9.30 -9.29 -16.76
O6 NAG C . 9.23 -8.96 -19.75
O7 NAG C . 4.89 -10.32 -14.78
CA CA D . 27.30 -4.65 -1.56
CA CA E . 0.50 3.67 -23.48
C1 HDS F . 2.90 4.26 4.43
C2 HDS F . 3.56 3.99 3.07
C3 HDS F . 4.88 4.72 3.00
C4 HDS F . 5.41 4.80 1.60
C5 HDS F . 6.72 5.56 1.54
C6 HDS F . 7.31 5.57 0.15
C7 HDS F . 8.63 6.32 0.10
C8 HDS F . 8.47 7.82 0.30
C9 HDS F . 9.82 8.51 0.10
C10 HDS F . 9.71 10.04 0.15
C11 HDS F . 9.62 10.59 1.55
C12 HDS F . 10.95 10.45 2.28
C13 HDS F . 10.90 11.12 3.64
C14 HDS F . 12.24 11.07 4.36
C15 HDS F . 12.18 11.81 5.70
C16 HDS F . 12.32 13.32 5.46
S1 HDS F . 1.30 3.39 4.55
O1S HDS F . 1.49 2.02 4.29
O3S HDS F . 0.71 3.72 5.79
C1 HDS G . -1.34 3.64 10.62
C2 HDS G . -1.17 4.01 12.08
C3 HDS G . -2.51 4.19 12.82
C4 HDS G . -2.28 4.05 14.34
C5 HDS G . -3.48 4.49 15.18
C6 HDS G . -3.49 6.00 15.42
C7 HDS G . -3.88 6.36 16.87
C8 HDS G . -2.89 5.75 17.87
C9 HDS G . -3.15 6.22 19.30
C10 HDS G . -4.59 5.95 19.74
C11 HDS G . -4.89 4.45 19.93
C12 HDS G . -4.44 3.94 21.30
C13 HDS G . -5.00 2.53 21.54
C14 HDS G . -4.62 1.98 22.92
C15 HDS G . -4.79 0.46 22.97
C16 HDS G . -6.04 0.07 23.74
S1 HDS G . 0.28 3.79 9.81
O1S HDS G . 1.32 3.97 10.74
O3S HDS G . 0.53 2.86 8.80
#